data_4FGG
#
_entry.id   4FGG
#
_cell.length_a   79.012
_cell.length_b   79.012
_cell.length_c   107.529
_cell.angle_alpha   90.00
_cell.angle_beta   90.00
_cell.angle_gamma   120.00
#
_symmetry.space_group_name_H-M   'P 61 2 2'
#
loop_
_entity.id
_entity.type
_entity.pdbx_description
1 polymer 'Dihydrofolate reductase'
2 non-polymer (2E)-3-{5-[(2,4-diamino-6-propylpyrimidin-5-yl)methyl]-2,3-dimethoxyphenyl}-1-[(1S)-1-(2-methylprop-1-en-1-yl)phthalazin-2(1H)-yl]prop-2-en-1-one
3 non-polymer 'NADP NICOTINAMIDE-ADENINE-DINUCLEOTIDE PHOSPHATE'
4 non-polymer GLYCEROL
5 water water
#
_entity_poly.entity_id   1
_entity_poly.type   'polypeptide(L)'
_entity_poly.pdbx_seq_one_letter_code
;MTLSILVAHDLQRVIGFENQLPWHLPNDLKHVKKLSTGHTLVMGRKTFESIGKPLPNRRNVVLTSDTSFNVEGVDVIHSI
EDIYQLPGHVFIFGGQTLFEEMIDKVDDMYITVIEGKFRGDTFFPPYTFEDWEVASSVEGKLDEKNTIPHTFLHLIRKKL
VPR
;
_entity_poly.pdbx_strand_id   A
#
# COMPACT_ATOMS: atom_id res chain seq x y z
N MET A 1 1.82 -15.03 0.84
CA MET A 1 1.36 -16.06 -0.10
C MET A 1 1.09 -15.46 -1.48
N THR A 2 -0.12 -14.95 -1.72
CA THR A 2 -0.33 -14.03 -2.83
C THR A 2 0.01 -12.67 -2.25
N LEU A 3 1.06 -12.04 -2.78
CA LEU A 3 1.68 -10.89 -2.15
C LEU A 3 1.55 -9.67 -3.07
N SER A 4 0.86 -8.65 -2.60
CA SER A 4 0.66 -7.43 -3.40
C SER A 4 1.06 -6.22 -2.60
N ILE A 5 1.44 -5.17 -3.30
CA ILE A 5 1.56 -3.86 -2.70
C ILE A 5 0.25 -3.11 -2.92
N LEU A 6 -0.14 -2.29 -1.95
CA LEU A 6 -1.35 -1.46 -2.07
C LEU A 6 -0.93 -0.07 -1.63
N VAL A 7 -1.04 0.93 -2.51
CA VAL A 7 -0.49 2.26 -2.23
C VAL A 7 -1.14 3.39 -3.02
N ALA A 8 -1.16 4.58 -2.43
CA ALA A 8 -1.53 5.79 -3.15
C ALA A 8 -0.30 6.68 -3.23
N HIS A 9 0.13 7.04 -4.43
CA HIS A 9 1.24 7.96 -4.54
C HIS A 9 0.97 9.06 -5.55
N ASP A 10 1.63 10.21 -5.38
CA ASP A 10 1.33 11.33 -6.27
C ASP A 10 2.29 11.31 -7.46
N LEU A 11 2.31 12.38 -8.23
CA LEU A 11 3.05 12.42 -9.48
C LEU A 11 4.54 12.34 -9.24
N GLN A 12 4.96 12.58 -7.99
CA GLN A 12 6.37 12.50 -7.66
C GLN A 12 6.61 11.40 -6.63
N ARG A 13 5.60 10.56 -6.48
CA ARG A 13 5.67 9.37 -5.64
C ARG A 13 5.65 9.69 -4.16
N VAL A 14 5.23 10.90 -3.80
CA VAL A 14 4.91 11.20 -2.43
C VAL A 14 3.77 10.29 -1.96
N ILE A 15 3.91 9.70 -0.77
CA ILE A 15 2.84 8.93 -0.15
C ILE A 15 2.38 9.50 1.19
N GLY A 16 3.15 10.43 1.76
CA GLY A 16 2.86 10.89 3.09
C GLY A 16 3.52 12.17 3.50
N PHE A 17 2.95 12.84 4.49
CA PHE A 17 3.54 14.02 5.09
C PHE A 17 3.20 14.04 6.58
N GLU A 18 4.24 14.18 7.40
CA GLU A 18 4.06 14.23 8.84
C GLU A 18 3.15 13.13 9.32
N ASN A 19 3.48 11.90 8.91
CA ASN A 19 2.75 10.69 9.31
C ASN A 19 1.25 10.74 8.99
N GLN A 20 0.91 11.47 7.94
CA GLN A 20 -0.45 11.54 7.44
C GLN A 20 -0.43 11.51 5.92
N LEU A 21 -1.58 11.21 5.31
CA LEU A 21 -1.70 11.32 3.86
C LEU A 21 -1.83 12.79 3.54
N PRO A 22 -1.16 13.23 2.48
CA PRO A 22 -1.23 14.65 2.09
C PRO A 22 -2.61 15.06 1.54
N TRP A 23 -3.38 14.10 1.04
CA TRP A 23 -4.60 14.44 0.32
C TRP A 23 -5.80 13.83 0.99
N HIS A 24 -6.98 14.40 0.74
CA HIS A 24 -8.22 13.80 1.20
C HIS A 24 -9.01 13.25 0.01
N LEU A 25 -9.15 11.94 -0.06
CA LEU A 25 -9.78 11.30 -1.22
C LEU A 25 -10.59 10.07 -0.82
N PRO A 26 -11.90 10.27 -0.51
CA PRO A 26 -12.76 9.20 0.02
C PRO A 26 -12.84 7.99 -0.90
N ASN A 27 -12.90 8.20 -2.21
CA ASN A 27 -12.90 7.09 -3.16
C ASN A 27 -11.72 6.12 -2.98
N ASP A 28 -10.55 6.63 -2.66
CA ASP A 28 -9.39 5.75 -2.52
C ASP A 28 -9.53 4.90 -1.25
N LEU A 29 -10.05 5.51 -0.21
CA LEU A 29 -10.38 4.78 1.00
C LEU A 29 -11.37 3.66 0.68
N LYS A 30 -12.33 3.96 -0.19
CA LYS A 30 -13.32 2.98 -0.62
C LYS A 30 -12.68 1.87 -1.47
N HIS A 31 -11.74 2.26 -2.31
CA HIS A 31 -10.95 1.34 -3.12
C HIS A 31 -10.15 0.37 -2.22
N VAL A 32 -9.54 0.90 -1.17
CA VAL A 32 -8.74 0.10 -0.25
C VAL A 32 -9.61 -0.91 0.51
N LYS A 33 -10.77 -0.45 0.96
CA LYS A 33 -11.69 -1.28 1.73
C LYS A 33 -12.15 -2.45 0.87
N LYS A 34 -12.51 -2.17 -0.36
CA LYS A 34 -12.99 -3.20 -1.28
C LYS A 34 -11.91 -4.24 -1.61
N LEU A 35 -10.70 -3.79 -1.91
CA LEU A 35 -9.62 -4.69 -2.27
C LEU A 35 -9.17 -5.62 -1.15
N SER A 36 -9.09 -5.10 0.07
CA SER A 36 -8.45 -5.83 1.17
C SER A 36 -9.45 -6.54 2.08
N THR A 37 -10.73 -6.29 1.86
CA THR A 37 -11.76 -6.91 2.68
C THR A 37 -11.62 -8.43 2.61
N GLY A 38 -11.60 -9.07 3.78
CA GLY A 38 -11.44 -10.52 3.87
C GLY A 38 -10.02 -10.99 3.73
N HIS A 39 -9.09 -10.04 3.62
CA HIS A 39 -7.68 -10.40 3.38
C HIS A 39 -6.77 -9.89 4.49
N THR A 40 -5.49 -9.77 4.21
CA THR A 40 -4.52 -9.38 5.23
C THR A 40 -3.71 -8.14 4.84
N LEU A 41 -3.63 -7.21 5.79
CA LEU A 41 -2.84 -5.98 5.64
C LEU A 41 -1.60 -6.06 6.52
N VAL A 42 -0.44 -5.84 5.91
CA VAL A 42 0.82 -5.78 6.63
C VAL A 42 1.30 -4.34 6.51
N MET A 43 1.63 -3.74 7.65
CA MET A 43 2.04 -2.34 7.69
C MET A 43 3.11 -2.14 8.74
N GLY A 44 3.97 -1.14 8.55
CA GLY A 44 4.99 -0.82 9.55
C GLY A 44 4.36 -0.07 10.70
N ARG A 45 5.11 0.09 11.79
CA ARG A 45 4.57 0.65 13.01
C ARG A 45 4.04 2.08 12.88
N LYS A 46 4.74 2.92 12.11
CA LYS A 46 4.35 4.33 12.00
C LYS A 46 3.05 4.46 11.22
N THR A 47 2.91 3.65 10.19
CA THR A 47 1.66 3.59 9.46
C THR A 47 0.53 3.18 10.40
N PHE A 48 0.78 2.19 11.25
CA PHE A 48 -0.25 1.79 12.19
C PHE A 48 -0.62 2.91 13.17
N GLU A 49 0.40 3.57 13.73
CA GLU A 49 0.14 4.66 14.69
C GLU A 49 -0.61 5.80 14.02
N SER A 50 -0.37 5.99 12.72
CA SER A 50 -1.08 7.01 11.97
C SER A 50 -2.58 6.70 11.88
N ILE A 51 -2.89 5.47 11.52
CA ILE A 51 -4.28 5.01 11.51
C ILE A 51 -4.83 4.96 12.94
N GLY A 52 -4.01 4.50 13.87
CA GLY A 52 -4.37 4.58 15.28
C GLY A 52 -5.20 3.43 15.83
N LYS A 53 -5.78 2.62 14.94
CA LYS A 53 -6.46 1.40 15.37
C LYS A 53 -6.69 0.43 14.19
N PRO A 54 -6.90 -0.85 14.51
CA PRO A 54 -7.01 -1.88 13.47
C PRO A 54 -8.15 -1.56 12.52
N LEU A 55 -8.01 -1.93 11.25
CA LEU A 55 -9.11 -1.74 10.31
C LEU A 55 -10.02 -2.96 10.44
N PRO A 56 -11.33 -2.72 10.60
CA PRO A 56 -12.28 -3.81 10.85
C PRO A 56 -12.37 -4.80 9.69
N ASN A 57 -12.62 -6.06 10.03
CA ASN A 57 -12.96 -7.09 9.05
C ASN A 57 -11.80 -7.52 8.15
N ARG A 58 -10.59 -7.22 8.62
CA ARG A 58 -9.36 -7.61 7.95
C ARG A 58 -8.44 -8.14 9.02
N ARG A 59 -7.55 -9.06 8.65
CA ARG A 59 -6.43 -9.35 9.51
C ARG A 59 -5.43 -8.17 9.41
N ASN A 60 -5.10 -7.58 10.56
CA ASN A 60 -4.12 -6.50 10.62
C ASN A 60 -2.81 -7.01 11.18
N VAL A 61 -1.73 -6.78 10.44
CA VAL A 61 -0.40 -7.25 10.85
C VAL A 61 0.60 -6.11 10.87
N VAL A 62 1.27 -5.94 12.00
CA VAL A 62 2.19 -4.83 12.18
C VAL A 62 3.64 -5.28 12.41
N LEU A 63 4.53 -4.72 11.60
CA LEU A 63 5.95 -5.04 11.66
C LEU A 63 6.62 -3.98 12.48
N THR A 64 7.27 -4.40 13.57
CA THR A 64 7.95 -3.49 14.49
C THR A 64 9.06 -4.23 15.19
N SER A 65 10.06 -3.51 15.69
CA SER A 65 11.09 -4.14 16.50
C SER A 65 10.71 -4.16 17.98
N ASP A 66 9.58 -3.54 18.32
CA ASP A 66 9.15 -3.39 19.71
C ASP A 66 8.53 -4.66 20.30
N THR A 67 9.29 -5.37 21.14
CA THR A 67 8.80 -6.59 21.79
C THR A 67 7.63 -6.34 22.75
N SER A 68 7.42 -5.09 23.15
CA SER A 68 6.32 -4.74 24.04
C SER A 68 5.02 -4.55 23.29
N PHE A 69 5.08 -4.58 21.96
CA PHE A 69 3.91 -4.30 21.14
C PHE A 69 2.91 -5.44 21.26
N ASN A 70 1.72 -5.12 21.76
CA ASN A 70 0.66 -6.12 21.87
C ASN A 70 -0.66 -5.41 21.88
N VAL A 71 -1.13 -5.05 20.70
CA VAL A 71 -2.38 -4.31 20.56
C VAL A 71 -3.54 -5.25 20.23
N GLU A 72 -4.69 -4.99 20.83
CA GLU A 72 -5.89 -5.77 20.59
C GLU A 72 -6.33 -5.70 19.12
N GLY A 73 -6.44 -6.85 18.47
CA GLY A 73 -6.93 -6.89 17.11
C GLY A 73 -5.82 -6.81 16.08
N VAL A 74 -4.59 -6.89 16.53
CA VAL A 74 -3.44 -6.79 15.65
C VAL A 74 -2.52 -7.98 15.90
N ASP A 75 -2.01 -8.56 14.81
CA ASP A 75 -0.99 -9.57 14.94
C ASP A 75 0.37 -8.91 14.69
N VAL A 76 1.34 -9.20 15.55
CA VAL A 76 2.65 -8.58 15.43
C VAL A 76 3.63 -9.53 14.77
N ILE A 77 4.51 -8.97 13.96
CA ILE A 77 5.66 -9.70 13.43
C ILE A 77 6.88 -8.82 13.66
N HIS A 78 8.06 -9.42 13.63
CA HIS A 78 9.29 -8.72 14.01
C HIS A 78 10.34 -8.82 12.94
N SER A 79 10.01 -9.55 11.88
CA SER A 79 10.92 -9.74 10.78
C SER A 79 10.18 -9.69 9.47
N ILE A 80 10.86 -9.20 8.43
CA ILE A 80 10.34 -9.23 7.08
C ILE A 80 9.99 -10.66 6.70
N GLU A 81 10.88 -11.59 7.04
CA GLU A 81 10.73 -13.00 6.68
C GLU A 81 9.41 -13.58 7.19
N ASP A 82 8.87 -12.99 8.24
CA ASP A 82 7.59 -13.43 8.80
C ASP A 82 6.45 -13.31 7.80
N ILE A 83 6.56 -12.32 6.90
CA ILE A 83 5.49 -12.00 5.96
C ILE A 83 5.15 -13.18 5.07
N TYR A 84 6.17 -13.92 4.66
CA TYR A 84 5.99 -15.01 3.69
C TYR A 84 5.27 -16.23 4.29
N GLN A 85 5.07 -16.21 5.61
CA GLN A 85 4.36 -17.29 6.27
C GLN A 85 2.88 -16.97 6.37
N LEU A 86 2.53 -15.70 6.26
CA LEU A 86 1.13 -15.30 6.30
C LEU A 86 0.39 -15.93 5.14
N PRO A 87 -0.73 -16.61 5.44
CA PRO A 87 -1.57 -17.26 4.41
C PRO A 87 -2.57 -16.31 3.78
N GLY A 88 -3.01 -16.63 2.57
CA GLY A 88 -4.02 -15.83 1.90
C GLY A 88 -3.44 -14.73 1.04
N HIS A 89 -4.29 -13.80 0.62
CA HIS A 89 -3.84 -12.66 -0.14
C HIS A 89 -3.36 -11.60 0.84
N VAL A 90 -2.06 -11.31 0.80
CA VAL A 90 -1.48 -10.33 1.72
C VAL A 90 -1.13 -9.04 0.98
N PHE A 91 -1.62 -7.91 1.50
CA PHE A 91 -1.33 -6.60 0.92
C PHE A 91 -0.30 -5.85 1.77
N ILE A 92 0.85 -5.53 1.17
CA ILE A 92 1.80 -4.61 1.80
C ILE A 92 1.22 -3.19 1.75
N PHE A 93 0.94 -2.66 2.94
CA PHE A 93 0.04 -1.53 3.11
C PHE A 93 0.79 -0.25 3.41
N GLY A 94 2.10 -0.34 3.67
CA GLY A 94 2.90 0.83 3.96
C GLY A 94 3.75 0.65 5.21
N GLY A 95 4.58 1.64 5.52
CA GLY A 95 4.73 2.84 4.71
C GLY A 95 5.95 2.78 3.83
N GLN A 96 6.66 3.88 3.70
CA GLN A 96 7.81 3.95 2.81
C GLN A 96 8.81 2.84 3.05
N THR A 97 9.12 2.60 4.32
CA THR A 97 10.16 1.65 4.68
C THR A 97 9.79 0.25 4.24
N LEU A 98 8.52 -0.12 4.40
CA LEU A 98 8.06 -1.44 4.01
C LEU A 98 7.94 -1.58 2.47
N PHE A 99 7.48 -0.52 1.81
CA PHE A 99 7.48 -0.51 0.35
C PHE A 99 8.91 -0.80 -0.18
N GLU A 100 9.90 -0.08 0.35
CA GLU A 100 11.28 -0.23 -0.10
C GLU A 100 11.78 -1.65 0.09
N GLU A 101 11.34 -2.27 1.17
CA GLU A 101 11.79 -3.61 1.53
C GLU A 101 11.11 -4.67 0.68
N MET A 102 9.91 -4.36 0.19
CA MET A 102 9.07 -5.37 -0.43
C MET A 102 8.88 -5.24 -1.94
N ILE A 103 9.17 -4.08 -2.52
CA ILE A 103 8.79 -3.85 -3.91
C ILE A 103 9.40 -4.83 -4.90
N ASP A 104 10.58 -5.36 -4.56
CA ASP A 104 11.22 -6.42 -5.38
C ASP A 104 10.75 -7.83 -5.06
N LYS A 105 9.88 -7.99 -4.08
CA LYS A 105 9.40 -9.32 -3.67
C LYS A 105 7.96 -9.56 -4.08
N VAL A 106 7.21 -8.50 -4.32
CA VAL A 106 5.78 -8.67 -4.57
C VAL A 106 5.46 -9.10 -6.00
N ASP A 107 4.35 -9.82 -6.13
CA ASP A 107 3.83 -10.27 -7.41
C ASP A 107 3.25 -9.11 -8.21
N ASP A 108 2.52 -8.24 -7.52
CA ASP A 108 1.79 -7.19 -8.21
C ASP A 108 1.52 -6.02 -7.28
N MET A 109 1.10 -4.90 -7.88
CA MET A 109 0.86 -3.67 -7.13
C MET A 109 -0.48 -3.05 -7.53
N TYR A 110 -1.25 -2.63 -6.52
CA TYR A 110 -2.43 -1.80 -6.75
C TYR A 110 -2.10 -0.37 -6.35
N ILE A 111 -1.84 0.47 -7.34
CA ILE A 111 -1.40 1.83 -7.10
C ILE A 111 -2.48 2.81 -7.48
N THR A 112 -2.79 3.74 -6.60
CA THR A 112 -3.65 4.84 -6.98
C THR A 112 -2.74 6.04 -7.25
N VAL A 113 -2.59 6.42 -8.52
CA VAL A 113 -1.80 7.58 -8.89
C VAL A 113 -2.64 8.80 -8.66
N ILE A 114 -2.19 9.63 -7.72
CA ILE A 114 -2.82 10.91 -7.44
C ILE A 114 -2.20 11.92 -8.38
N GLU A 115 -3.00 12.45 -9.32
CA GLU A 115 -2.46 13.28 -10.38
C GLU A 115 -2.22 14.72 -9.92
N GLY A 116 -1.38 14.85 -8.90
CA GLY A 116 -1.02 16.15 -8.37
C GLY A 116 0.36 16.09 -7.74
N LYS A 117 0.87 17.24 -7.34
CA LYS A 117 2.15 17.34 -6.69
C LYS A 117 1.91 17.89 -5.31
N PHE A 118 2.13 17.06 -4.29
CA PHE A 118 1.93 17.44 -2.89
C PHE A 118 3.26 17.61 -2.21
N ARG A 119 3.29 18.39 -1.13
CA ARG A 119 4.46 18.39 -0.25
C ARG A 119 4.50 17.07 0.54
N GLY A 120 5.62 16.36 0.47
CA GLY A 120 5.75 15.10 1.18
C GLY A 120 7.04 14.96 1.94
N ASP A 121 7.09 13.98 2.83
CA ASP A 121 8.35 13.66 3.49
C ASP A 121 8.60 12.15 3.46
N THR A 122 7.66 11.42 2.85
CA THR A 122 7.86 9.99 2.59
C THR A 122 7.46 9.67 1.15
N PHE A 123 8.10 8.66 0.59
CA PHE A 123 7.98 8.36 -0.84
C PHE A 123 7.89 6.87 -1.16
N PHE A 124 7.18 6.56 -2.23
CA PHE A 124 7.22 5.24 -2.83
C PHE A 124 8.49 5.11 -3.67
N PRO A 125 9.14 3.94 -3.62
CA PRO A 125 10.39 3.71 -4.37
C PRO A 125 10.19 3.92 -5.86
N PRO A 126 11.23 4.37 -6.57
CA PRO A 126 11.11 4.48 -8.03
C PRO A 126 10.86 3.11 -8.65
N TYR A 127 10.16 3.08 -9.78
CA TYR A 127 9.92 1.84 -10.51
C TYR A 127 9.68 2.18 -11.99
N THR A 128 9.98 1.25 -12.89
CA THR A 128 9.77 1.46 -14.33
C THR A 128 8.59 0.67 -14.88
N PHE A 129 7.79 1.28 -15.75
CA PHE A 129 6.79 0.50 -16.49
C PHE A 129 7.42 -0.52 -17.44
N GLU A 130 8.71 -0.37 -17.70
CA GLU A 130 9.45 -1.39 -18.42
C GLU A 130 9.31 -2.75 -17.72
N ASP A 131 9.09 -2.73 -16.42
CA ASP A 131 9.10 -3.96 -15.63
C ASP A 131 7.71 -4.38 -15.20
N TRP A 132 6.72 -3.57 -15.49
CA TRP A 132 5.40 -3.82 -14.91
C TRP A 132 4.33 -3.73 -15.97
N GLU A 133 3.51 -4.77 -16.06
CA GLU A 133 2.46 -4.78 -17.05
C GLU A 133 1.20 -4.14 -16.49
N VAL A 134 0.61 -3.24 -17.27
CA VAL A 134 -0.62 -2.59 -16.86
C VAL A 134 -1.80 -3.56 -17.06
N ALA A 135 -2.17 -4.26 -15.99
CA ALA A 135 -3.29 -5.18 -16.03
C ALA A 135 -4.60 -4.42 -16.18
N SER A 136 -4.69 -3.28 -15.51
CA SER A 136 -5.80 -2.37 -15.69
C SER A 136 -5.44 -0.94 -15.27
N SER A 137 -6.11 0.03 -15.87
CA SER A 137 -5.94 1.44 -15.55
C SER A 137 -7.31 2.06 -15.67
N VAL A 138 -7.85 2.52 -14.54
CA VAL A 138 -9.20 3.06 -14.47
C VAL A 138 -9.16 4.45 -13.85
N GLU A 139 -9.62 5.47 -14.57
CA GLU A 139 -9.71 6.80 -13.98
C GLU A 139 -10.74 6.84 -12.86
N GLY A 140 -10.42 7.51 -11.77
CA GLY A 140 -11.38 7.67 -10.71
C GLY A 140 -12.36 8.77 -11.11
N LYS A 141 -13.59 8.66 -10.61
CA LYS A 141 -14.59 9.65 -10.89
C LYS A 141 -14.42 10.82 -9.93
N LEU A 142 -14.42 12.03 -10.48
CA LEU A 142 -14.36 13.26 -9.69
C LEU A 142 -15.75 13.71 -9.28
N ASP A 143 -15.82 14.49 -8.21
CA ASP A 143 -17.09 15.06 -7.76
C ASP A 143 -16.85 16.05 -6.62
N GLU A 144 -17.90 16.40 -5.90
CA GLU A 144 -17.75 17.39 -4.84
C GLU A 144 -16.82 16.88 -3.75
N LYS A 145 -16.87 15.58 -3.50
CA LYS A 145 -16.09 14.95 -2.41
C LYS A 145 -14.69 14.47 -2.84
N ASN A 146 -14.52 14.27 -4.13
CA ASN A 146 -13.27 13.72 -4.67
C ASN A 146 -12.78 14.62 -5.80
N THR A 147 -11.85 15.52 -5.49
CA THR A 147 -11.58 16.63 -6.39
C THR A 147 -10.16 16.68 -6.94
N ILE A 148 -9.37 15.67 -6.63
CA ILE A 148 -8.06 15.50 -7.25
C ILE A 148 -8.16 14.37 -8.27
N PRO A 149 -7.74 14.61 -9.52
CA PRO A 149 -7.77 13.52 -10.51
C PRO A 149 -6.91 12.36 -10.02
N HIS A 150 -7.32 11.13 -10.31
CA HIS A 150 -6.61 9.95 -9.81
C HIS A 150 -6.89 8.73 -10.67
N THR A 151 -5.98 7.77 -10.65
CA THR A 151 -6.08 6.64 -11.54
C THR A 151 -5.72 5.38 -10.79
N PHE A 152 -6.59 4.38 -10.85
CA PHE A 152 -6.31 3.12 -10.19
C PHE A 152 -5.61 2.20 -11.17
N LEU A 153 -4.38 1.82 -10.80
CA LEU A 153 -3.54 0.93 -11.60
C LEU A 153 -3.46 -0.41 -10.91
N HIS A 154 -3.55 -1.48 -11.69
CA HIS A 154 -3.14 -2.78 -11.21
C HIS A 154 -1.97 -3.17 -12.09
N LEU A 155 -0.79 -3.27 -11.48
CA LEU A 155 0.45 -3.60 -12.20
C LEU A 155 0.96 -4.98 -11.81
N ILE A 156 1.43 -5.72 -12.81
CA ILE A 156 1.89 -7.10 -12.61
C ILE A 156 3.30 -7.20 -13.14
N ARG A 157 4.19 -7.75 -12.31
CA ARG A 157 5.60 -7.85 -12.67
C ARG A 157 5.78 -8.67 -13.94
N LYS A 158 6.54 -8.13 -14.90
CA LYS A 158 6.82 -8.85 -16.14
C LYS A 158 7.87 -9.92 -15.94
N LYS A 159 7.70 -11.03 -16.65
CA LYS A 159 8.70 -12.09 -16.64
C LYS A 159 9.85 -11.68 -17.54
N LEU A 160 11.06 -12.07 -17.16
CA LEU A 160 12.23 -11.82 -17.99
C LEU A 160 12.40 -13.02 -18.92
N VAL A 161 12.28 -12.78 -20.21
CA VAL A 161 12.36 -13.85 -21.19
C VAL A 161 13.42 -13.49 -22.22
N PRO A 162 13.98 -14.51 -22.89
CA PRO A 162 14.96 -14.26 -23.95
C PRO A 162 14.30 -13.65 -25.17
N ARG A 163 14.84 -12.57 -25.70
CA ARG A 163 14.39 -12.06 -26.99
C ARG A 163 15.38 -12.44 -28.10
#